data_7REY
#
_entry.id   7REY
#
_cell.length_a   73.785
_cell.length_b   79.375
_cell.length_c   86.604
_cell.angle_alpha   90.00
_cell.angle_beta   90.00
_cell.angle_gamma   90.00
#
_symmetry.space_group_name_H-M   'P 21 21 21'
#
loop_
_entity.id
_entity.type
_entity.pdbx_description
1 polymer 'tRNA (guanine-N(1)-)-methyltransferase'
2 non-polymer 'SODIUM ION'
3 water water
#
_entity_poly.entity_id   1
_entity_poly.type   'polypeptide(L)'
_entity_poly.pdbx_seq_one_letter_code
;SMKIDVVTIFPEYLQPVRQSLPGKAIDAGLVDVAVHDLRRWTHDVHKSVDDSPYGGGPGMVMKPTVWGDALDEICTSETL
LVVPTPAGYPFTQETAWQWSTEDHLVIACGRYEGIDQRVADDAATRMRVREVSIGDYVLNGGEAAALVIIEAVLRLVPGV
LGNALSAQEDSHSEGMASLLEGPSYTRPPSWRGMDVPPVLLSGDHAKIAAWRAEQSRQRTIERRPDLLGFDSP
;
_entity_poly.pdbx_strand_id   A,B
#
# COMPACT_ATOMS: atom_id res chain seq x y z
N SER A 1 -17.80 17.58 -0.43
CA SER A 1 -18.21 16.29 0.20
C SER A 1 -17.73 15.08 -0.63
N MET A 2 -16.99 14.13 -0.02
CA MET A 2 -16.65 12.83 -0.67
C MET A 2 -17.30 11.70 0.12
N LYS A 3 -17.95 10.77 -0.56
CA LYS A 3 -18.42 9.49 0.02
C LYS A 3 -17.52 8.35 -0.50
N ILE A 4 -16.98 7.54 0.41
CA ILE A 4 -16.19 6.33 0.04
C ILE A 4 -16.92 5.15 0.66
N ASP A 5 -17.30 4.18 -0.16
CA ASP A 5 -17.87 2.88 0.25
C ASP A 5 -16.83 1.81 -0.06
N VAL A 6 -16.51 0.98 0.91
CA VAL A 6 -15.55 -0.14 0.73
C VAL A 6 -16.34 -1.43 0.91
N VAL A 7 -16.20 -2.37 -0.03
CA VAL A 7 -16.87 -3.69 0.03
C VAL A 7 -15.78 -4.75 0.15
N THR A 8 -15.80 -5.53 1.24
CA THR A 8 -14.72 -6.47 1.58
C THR A 8 -15.34 -7.64 2.32
N ILE A 9 -14.68 -8.78 2.31
CA ILE A 9 -15.01 -9.88 3.25
C ILE A 9 -14.27 -9.63 4.57
N PHE A 10 -13.40 -8.62 4.71
CA PHE A 10 -12.72 -8.33 6.01
C PHE A 10 -13.01 -6.90 6.48
N PRO A 11 -14.25 -6.59 6.87
CA PRO A 11 -14.62 -5.20 7.12
C PRO A 11 -13.82 -4.58 8.28
N GLU A 12 -13.36 -5.42 9.22
CA GLU A 12 -12.55 -4.97 10.39
C GLU A 12 -11.22 -4.36 9.92
N TYR A 13 -10.70 -4.77 8.77
CA TYR A 13 -9.45 -4.23 8.17
C TYR A 13 -9.55 -2.70 8.07
N LEU A 14 -10.74 -2.16 7.80
CA LEU A 14 -10.94 -0.72 7.47
C LEU A 14 -11.22 0.12 8.72
N GLN A 15 -11.52 -0.47 9.87
CA GLN A 15 -12.06 0.28 11.05
C GLN A 15 -11.08 1.35 11.51
N PRO A 16 -9.77 1.06 11.68
CA PRO A 16 -8.84 2.11 12.08
C PRO A 16 -8.77 3.34 11.14
N VAL A 17 -8.83 3.20 9.80
CA VAL A 17 -8.87 4.40 8.94
C VAL A 17 -10.18 5.17 9.19
N ARG A 18 -11.32 4.48 9.37
CA ARG A 18 -12.60 5.18 9.69
C ARG A 18 -12.43 6.03 10.96
N GLN A 19 -11.92 5.44 12.05
CA GLN A 19 -11.78 6.08 13.37
C GLN A 19 -10.83 7.26 13.34
N SER A 20 -9.76 7.15 12.55
CA SER A 20 -8.73 8.18 12.32
C SER A 20 -9.31 9.49 11.71
N LEU A 21 -10.43 9.45 10.97
CA LEU A 21 -11.02 10.68 10.33
C LEU A 21 -11.39 11.70 11.41
N PRO A 22 -10.96 12.97 11.29
CA PRO A 22 -11.33 13.96 12.31
C PRO A 22 -12.85 14.21 12.34
N GLY A 23 -13.41 14.32 13.56
CA GLY A 23 -14.81 14.69 13.79
C GLY A 23 -15.20 15.95 13.01
N LYS A 24 -14.34 16.99 13.02
CA LYS A 24 -14.58 18.28 12.30
C LYS A 24 -15.01 18.02 10.85
N ALA A 25 -14.20 17.26 10.09
CA ALA A 25 -14.42 16.94 8.66
C ALA A 25 -15.79 16.27 8.47
N ILE A 26 -16.07 15.27 9.30
CA ILE A 26 -17.32 14.46 9.21
C ILE A 26 -18.52 15.39 9.49
N ASP A 27 -18.43 16.16 10.58
CA ASP A 27 -19.51 17.09 11.04
C ASP A 27 -19.73 18.15 9.96
N ALA A 28 -18.67 18.59 9.26
CA ALA A 28 -18.73 19.54 8.13
C ALA A 28 -19.21 18.84 6.83
N GLY A 29 -19.52 17.54 6.88
CA GLY A 29 -19.96 16.75 5.72
C GLY A 29 -18.90 16.68 4.63
N LEU A 30 -17.61 16.84 4.99
CA LEU A 30 -16.55 16.88 3.96
C LEU A 30 -16.26 15.45 3.49
N VAL A 31 -16.46 14.46 4.37
CA VAL A 31 -16.10 13.06 4.07
C VAL A 31 -17.01 12.10 4.84
N ASP A 32 -17.33 10.98 4.19
CA ASP A 32 -18.05 9.83 4.80
C ASP A 32 -17.44 8.55 4.25
N VAL A 33 -16.92 7.69 5.13
CA VAL A 33 -16.29 6.39 4.75
C VAL A 33 -17.14 5.27 5.37
N ALA A 34 -17.84 4.47 4.56
CA ALA A 34 -18.64 3.32 5.03
C ALA A 34 -17.98 2.04 4.53
N VAL A 35 -18.02 0.99 5.36
CA VAL A 35 -17.44 -0.34 5.05
C VAL A 35 -18.57 -1.35 5.10
N HIS A 36 -18.68 -2.20 4.08
CA HIS A 36 -19.77 -3.19 3.92
C HIS A 36 -19.17 -4.56 3.82
N ASP A 37 -19.72 -5.51 4.56
CA ASP A 37 -19.35 -6.93 4.47
C ASP A 37 -19.96 -7.46 3.18
N LEU A 38 -19.15 -7.98 2.26
CA LEU A 38 -19.61 -8.59 0.99
C LEU A 38 -20.59 -9.72 1.29
N ARG A 39 -20.46 -10.40 2.42
CA ARG A 39 -21.33 -11.60 2.66
C ARG A 39 -22.78 -11.21 2.87
N ARG A 40 -23.08 -9.95 3.12
CA ARG A 40 -24.47 -9.45 3.13
C ARG A 40 -25.20 -9.82 1.82
N TRP A 41 -24.48 -9.94 0.69
CA TRP A 41 -25.09 -10.16 -0.64
C TRP A 41 -24.98 -11.63 -1.08
N THR A 42 -24.58 -12.53 -0.19
CA THR A 42 -24.49 -13.97 -0.55
C THR A 42 -25.89 -14.57 -0.62
N HIS A 43 -26.01 -15.68 -1.35
CA HIS A 43 -27.30 -16.27 -1.75
C HIS A 43 -27.61 -17.47 -0.87
N ASP A 44 -26.58 -18.11 -0.31
CA ASP A 44 -26.67 -19.50 0.21
C ASP A 44 -26.38 -19.50 1.70
N VAL A 45 -26.73 -20.61 2.37
CA VAL A 45 -26.57 -20.76 3.85
C VAL A 45 -25.06 -20.72 4.17
N HIS A 46 -24.20 -21.20 3.25
CA HIS A 46 -22.72 -21.22 3.43
C HIS A 46 -22.08 -19.82 3.20
N LYS A 47 -22.84 -18.81 2.79
CA LYS A 47 -22.34 -17.43 2.50
C LYS A 47 -21.10 -17.51 1.59
N SER A 48 -21.22 -18.23 0.49
CA SER A 48 -20.15 -18.47 -0.51
C SER A 48 -19.86 -17.16 -1.27
N VAL A 49 -18.59 -16.74 -1.33
CA VAL A 49 -18.18 -15.54 -2.12
C VAL A 49 -17.33 -15.93 -3.32
N ASP A 50 -16.85 -17.17 -3.41
CA ASP A 50 -15.88 -17.53 -4.47
C ASP A 50 -16.18 -18.95 -4.95
N ASP A 51 -15.55 -19.36 -6.03
CA ASP A 51 -15.85 -20.63 -6.74
C ASP A 51 -14.66 -20.92 -7.67
N SER A 52 -14.55 -22.17 -8.09
CA SER A 52 -13.45 -22.68 -8.91
C SER A 52 -13.38 -21.96 -10.25
N PRO A 53 -12.17 -21.63 -10.74
CA PRO A 53 -12.00 -20.91 -11.99
C PRO A 53 -12.34 -21.80 -13.19
N TYR A 54 -13.08 -21.26 -14.14
CA TYR A 54 -13.30 -21.92 -15.45
C TYR A 54 -11.95 -22.03 -16.18
N GLY A 55 -11.70 -23.19 -16.78
CA GLY A 55 -10.44 -23.47 -17.49
C GLY A 55 -9.43 -24.10 -16.55
N GLY A 56 -9.81 -24.23 -15.29
CA GLY A 56 -9.04 -24.96 -14.28
C GLY A 56 -7.94 -24.10 -13.70
N GLY A 57 -7.00 -24.75 -13.00
CA GLY A 57 -5.85 -24.08 -12.38
C GLY A 57 -6.13 -23.85 -10.90
N PRO A 58 -5.13 -23.36 -10.13
CA PRO A 58 -5.31 -23.24 -8.69
C PRO A 58 -6.14 -21.99 -8.39
N GLY A 59 -6.57 -21.89 -7.14
CA GLY A 59 -7.18 -20.66 -6.63
C GLY A 59 -8.69 -20.70 -6.78
N MET A 60 -9.31 -19.62 -6.36
CA MET A 60 -10.77 -19.43 -6.38
C MET A 60 -11.00 -18.04 -6.96
N VAL A 61 -12.13 -17.83 -7.62
CA VAL A 61 -12.51 -16.55 -8.29
C VAL A 61 -13.75 -16.07 -7.58
N MET A 62 -13.86 -14.78 -7.29
CA MET A 62 -15.07 -14.30 -6.57
C MET A 62 -16.26 -14.30 -7.54
N LYS A 63 -17.41 -14.67 -7.01
CA LYS A 63 -18.66 -14.91 -7.75
C LYS A 63 -19.23 -13.63 -8.32
N PRO A 64 -19.61 -13.64 -9.62
CA PRO A 64 -20.20 -12.46 -10.22
C PRO A 64 -21.60 -12.16 -9.65
N THR A 65 -22.35 -13.18 -9.24
CA THR A 65 -23.75 -12.99 -8.74
C THR A 65 -23.76 -12.17 -7.44
N VAL A 66 -22.79 -12.40 -6.55
CA VAL A 66 -22.70 -11.74 -5.24
C VAL A 66 -22.26 -10.29 -5.45
N TRP A 67 -21.17 -10.09 -6.18
CA TRP A 67 -20.59 -8.75 -6.48
C TRP A 67 -21.58 -7.91 -7.27
N GLY A 68 -22.27 -8.50 -8.25
CA GLY A 68 -23.33 -7.84 -9.03
C GLY A 68 -24.40 -7.24 -8.15
N ASP A 69 -24.91 -8.00 -7.17
CA ASP A 69 -25.93 -7.52 -6.21
C ASP A 69 -25.35 -6.43 -5.30
N ALA A 70 -24.14 -6.59 -4.83
CA ALA A 70 -23.53 -5.60 -3.91
C ALA A 70 -23.37 -4.24 -4.61
N LEU A 71 -22.84 -4.25 -5.85
CA LEU A 71 -22.58 -2.98 -6.59
C LEU A 71 -23.93 -2.38 -7.03
N ASP A 72 -24.96 -3.20 -7.29
CA ASP A 72 -26.30 -2.68 -7.67
C ASP A 72 -26.84 -1.86 -6.51
N GLU A 73 -26.59 -2.31 -5.29
CA GLU A 73 -27.09 -1.61 -4.07
C GLU A 73 -26.26 -0.36 -3.76
N ILE A 74 -24.94 -0.40 -3.90
CA ILE A 74 -23.99 0.63 -3.36
C ILE A 74 -23.70 1.70 -4.43
N CYS A 75 -23.53 1.32 -5.71
CA CYS A 75 -23.13 2.25 -6.79
C CYS A 75 -24.31 3.07 -7.31
N THR A 76 -23.99 4.24 -7.84
CA THR A 76 -24.91 5.10 -8.62
C THR A 76 -24.25 5.48 -9.93
N SER A 77 -24.97 6.23 -10.74
CA SER A 77 -24.45 6.80 -12.01
C SER A 77 -23.20 7.65 -11.74
N GLU A 78 -23.05 8.26 -10.54
CA GLU A 78 -21.95 9.22 -10.25
C GLU A 78 -20.69 8.44 -9.81
N THR A 79 -20.82 7.14 -9.50
CA THR A 79 -19.78 6.34 -8.82
C THR A 79 -18.56 6.17 -9.73
N LEU A 80 -17.39 6.29 -9.12
CA LEU A 80 -16.11 5.74 -9.64
C LEU A 80 -15.82 4.42 -8.88
N LEU A 81 -15.88 3.31 -9.59
CA LEU A 81 -15.67 1.96 -9.02
C LEU A 81 -14.17 1.70 -9.11
N VAL A 82 -13.52 1.61 -7.96
CA VAL A 82 -12.06 1.29 -7.89
C VAL A 82 -11.90 -0.17 -7.50
N VAL A 83 -11.09 -0.88 -8.26
CA VAL A 83 -10.85 -2.32 -8.08
C VAL A 83 -9.35 -2.49 -7.93
N PRO A 84 -8.83 -2.59 -6.69
CA PRO A 84 -7.40 -2.83 -6.46
C PRO A 84 -7.07 -4.25 -6.90
N THR A 85 -6.06 -4.37 -7.74
CA THR A 85 -5.61 -5.69 -8.23
C THR A 85 -4.19 -5.52 -8.73
N PRO A 86 -3.35 -6.53 -8.53
CA PRO A 86 -2.00 -6.49 -9.08
C PRO A 86 -2.00 -6.42 -10.61
N ALA A 87 -3.12 -6.71 -11.27
CA ALA A 87 -3.21 -6.68 -12.75
C ALA A 87 -3.71 -5.32 -13.27
N GLY A 88 -3.76 -4.30 -12.43
CA GLY A 88 -4.39 -3.01 -12.72
C GLY A 88 -3.45 -2.02 -13.35
N TYR A 89 -4.01 -0.95 -13.85
CA TYR A 89 -3.24 0.26 -14.25
C TYR A 89 -2.52 0.77 -13.01
N PRO A 90 -1.33 1.38 -13.13
CA PRO A 90 -0.64 1.93 -11.98
C PRO A 90 -1.41 3.07 -11.29
N PHE A 91 -1.56 2.97 -9.98
CA PHE A 91 -2.08 4.03 -9.09
C PHE A 91 -0.91 4.96 -8.79
N THR A 92 -0.99 6.20 -9.23
CA THR A 92 0.08 7.19 -8.99
C THR A 92 -0.48 8.45 -8.32
N GLN A 93 0.41 9.37 -7.99
CA GLN A 93 -0.02 10.63 -7.35
C GLN A 93 -1.00 11.36 -8.28
N GLU A 94 -0.78 11.33 -9.60
CA GLU A 94 -1.73 11.91 -10.58
C GLU A 94 -3.13 11.35 -10.38
N THR A 95 -3.26 10.02 -10.23
CA THR A 95 -4.57 9.36 -9.96
C THR A 95 -5.17 9.88 -8.68
N ALA A 96 -4.39 9.91 -7.59
CA ALA A 96 -4.89 10.40 -6.28
C ALA A 96 -5.46 11.81 -6.40
N TRP A 97 -4.78 12.72 -7.09
CA TRP A 97 -5.29 14.11 -7.35
C TRP A 97 -6.61 14.05 -8.09
N GLN A 98 -6.68 13.31 -9.20
CA GLN A 98 -7.92 13.17 -10.00
C GLN A 98 -9.04 12.68 -9.10
N TRP A 99 -8.81 11.61 -8.32
CA TRP A 99 -9.87 10.99 -7.50
C TRP A 99 -10.26 11.87 -6.30
N SER A 100 -9.42 12.80 -5.84
CA SER A 100 -9.68 13.65 -4.64
C SER A 100 -10.88 14.59 -4.89
N THR A 101 -11.24 14.82 -6.14
CA THR A 101 -12.39 15.69 -6.53
C THR A 101 -13.62 14.84 -6.87
N GLU A 102 -13.58 13.51 -6.69
CA GLU A 102 -14.77 12.66 -6.99
C GLU A 102 -15.80 12.79 -5.87
N ASP A 103 -17.09 12.71 -6.21
CA ASP A 103 -18.17 12.73 -5.18
C ASP A 103 -18.35 11.35 -4.52
N HIS A 104 -18.16 10.25 -5.25
CA HIS A 104 -18.49 8.88 -4.77
C HIS A 104 -17.49 7.86 -5.31
N LEU A 105 -16.62 7.37 -4.45
CA LEU A 105 -15.68 6.25 -4.71
C LEU A 105 -16.27 4.99 -4.09
N VAL A 106 -16.36 3.92 -4.87
CA VAL A 106 -16.64 2.56 -4.35
C VAL A 106 -15.40 1.71 -4.59
N ILE A 107 -14.87 1.13 -3.52
CA ILE A 107 -13.64 0.30 -3.59
C ILE A 107 -14.05 -1.15 -3.35
N ALA A 108 -13.98 -1.96 -4.41
CA ALA A 108 -14.30 -3.41 -4.42
C ALA A 108 -13.03 -4.20 -4.12
N CYS A 109 -12.88 -4.69 -2.90
CA CYS A 109 -11.69 -5.44 -2.45
C CYS A 109 -11.90 -6.92 -2.72
N GLY A 110 -11.10 -7.49 -3.60
CA GLY A 110 -11.21 -8.94 -3.86
C GLY A 110 -9.97 -9.68 -3.44
N ARG A 111 -10.00 -11.00 -3.47
CA ARG A 111 -8.74 -11.79 -3.49
C ARG A 111 -7.93 -11.56 -4.79
N TYR A 112 -6.62 -11.75 -4.73
CA TYR A 112 -5.67 -11.45 -5.84
C TYR A 112 -5.97 -12.33 -7.06
N GLU A 113 -6.49 -13.56 -6.89
CA GLU A 113 -6.99 -14.41 -8.02
C GLU A 113 -8.07 -13.65 -8.77
N GLY A 114 -8.85 -12.85 -8.07
CA GLY A 114 -9.61 -11.81 -8.77
C GLY A 114 -11.10 -12.03 -8.72
N ILE A 115 -11.81 -11.03 -9.19
CA ILE A 115 -13.29 -11.03 -9.29
C ILE A 115 -13.60 -11.44 -10.74
N ASP A 116 -14.58 -12.32 -10.94
CA ASP A 116 -15.05 -12.68 -12.30
C ASP A 116 -15.06 -11.39 -13.11
N GLN A 117 -14.47 -11.41 -14.30
CA GLN A 117 -14.27 -10.21 -15.14
C GLN A 117 -15.60 -9.59 -15.56
N ARG A 118 -16.67 -10.36 -15.62
CA ARG A 118 -17.97 -9.83 -16.09
C ARG A 118 -18.46 -8.79 -15.11
N VAL A 119 -18.00 -8.81 -13.85
CA VAL A 119 -18.46 -7.82 -12.85
C VAL A 119 -18.00 -6.42 -13.28
N ALA A 120 -16.71 -6.25 -13.56
CA ALA A 120 -16.13 -4.98 -14.03
C ALA A 120 -16.72 -4.64 -15.38
N ASP A 121 -16.87 -5.61 -16.31
CA ASP A 121 -17.36 -5.35 -17.68
C ASP A 121 -18.81 -4.84 -17.60
N ASP A 122 -19.65 -5.51 -16.81
CA ASP A 122 -21.06 -5.10 -16.60
C ASP A 122 -21.11 -3.70 -15.99
N ALA A 123 -20.36 -3.45 -14.92
CA ALA A 123 -20.41 -2.17 -14.21
C ALA A 123 -19.97 -1.03 -15.15
N ALA A 124 -18.99 -1.29 -16.01
CA ALA A 124 -18.45 -0.25 -16.93
C ALA A 124 -19.54 0.23 -17.92
N THR A 125 -20.63 -0.51 -18.10
CA THR A 125 -21.73 -0.10 -19.01
C THR A 125 -22.60 0.93 -18.33
N ARG A 126 -22.43 1.19 -17.03
CA ARG A 126 -23.29 2.20 -16.38
C ARG A 126 -22.53 3.08 -15.42
N MET A 127 -21.23 2.89 -15.23
CA MET A 127 -20.44 3.82 -14.38
C MET A 127 -19.00 3.74 -14.86
N ARG A 128 -18.12 4.50 -14.24
CA ARG A 128 -16.69 4.52 -14.53
C ARG A 128 -16.02 3.49 -13.62
N VAL A 129 -15.16 2.67 -14.22
CA VAL A 129 -14.46 1.56 -13.52
C VAL A 129 -12.96 1.75 -13.72
N ARG A 130 -12.19 1.60 -12.64
CA ARG A 130 -10.71 1.78 -12.65
C ARG A 130 -10.10 0.59 -11.88
N GLU A 131 -9.53 -0.35 -12.61
CA GLU A 131 -8.69 -1.41 -12.01
C GLU A 131 -7.28 -0.86 -11.83
N VAL A 132 -6.74 -0.87 -10.60
CA VAL A 132 -5.44 -0.18 -10.30
C VAL A 132 -4.58 -1.05 -9.41
N SER A 133 -3.28 -1.02 -9.67
CA SER A 133 -2.23 -1.64 -8.86
C SER A 133 -1.53 -0.52 -8.08
N ILE A 134 -1.35 -0.71 -6.78
CA ILE A 134 -0.56 0.24 -5.94
C ILE A 134 0.94 -0.02 -6.05
N GLY A 135 1.40 -1.14 -6.61
CA GLY A 135 2.83 -1.30 -6.88
C GLY A 135 3.15 -2.66 -7.47
N ASP A 136 4.45 -2.90 -7.68
CA ASP A 136 5.02 -4.02 -8.48
C ASP A 136 5.21 -5.24 -7.59
N TYR A 137 4.17 -5.64 -6.88
CA TYR A 137 4.19 -6.78 -5.94
C TYR A 137 2.76 -7.31 -5.84
N VAL A 138 2.64 -8.54 -5.39
CA VAL A 138 1.33 -9.19 -5.19
C VAL A 138 0.98 -9.12 -3.71
N LEU A 139 -0.26 -8.76 -3.43
CA LEU A 139 -0.89 -8.89 -2.09
C LEU A 139 -1.96 -9.97 -2.16
N ASN A 140 -2.29 -10.59 -1.03
CA ASN A 140 -3.29 -11.69 -0.99
C ASN A 140 -4.70 -11.13 -1.31
N GLY A 141 -4.95 -9.90 -0.95
CA GLY A 141 -6.29 -9.30 -1.07
C GLY A 141 -6.22 -7.81 -1.35
N GLY A 142 -7.34 -7.18 -1.68
CA GLY A 142 -7.35 -5.76 -2.04
C GLY A 142 -7.39 -4.82 -0.83
N GLU A 143 -7.56 -5.31 0.41
CA GLU A 143 -7.81 -4.42 1.60
C GLU A 143 -6.60 -3.50 1.90
N ALA A 144 -5.39 -4.02 1.95
CA ALA A 144 -4.20 -3.18 2.24
C ALA A 144 -4.04 -2.13 1.13
N ALA A 145 -4.37 -2.49 -0.11
CA ALA A 145 -4.34 -1.54 -1.25
C ALA A 145 -5.43 -0.49 -1.05
N ALA A 146 -6.62 -0.89 -0.58
CA ALA A 146 -7.73 0.05 -0.29
C ALA A 146 -7.24 1.09 0.73
N LEU A 147 -6.51 0.66 1.77
CA LEU A 147 -6.03 1.58 2.83
C LEU A 147 -5.08 2.61 2.21
N VAL A 148 -4.19 2.17 1.32
CA VAL A 148 -3.21 3.09 0.67
C VAL A 148 -3.96 4.10 -0.20
N ILE A 149 -4.92 3.64 -0.99
CA ILE A 149 -5.70 4.54 -1.88
C ILE A 149 -6.48 5.57 -1.06
N ILE A 150 -7.16 5.14 0.01
CA ILE A 150 -8.01 6.05 0.83
C ILE A 150 -7.10 7.14 1.42
N GLU A 151 -5.94 6.74 1.93
CA GLU A 151 -5.00 7.70 2.56
C GLU A 151 -4.42 8.66 1.52
N ALA A 152 -3.98 8.17 0.36
CA ALA A 152 -3.36 8.96 -0.72
C ALA A 152 -4.37 9.97 -1.25
N VAL A 153 -5.64 9.62 -1.30
CA VAL A 153 -6.71 10.46 -1.92
C VAL A 153 -7.19 11.46 -0.85
N LEU A 154 -7.53 11.02 0.35
CA LEU A 154 -8.13 11.92 1.37
C LEU A 154 -7.14 12.98 1.87
N ARG A 155 -5.84 12.72 1.90
CA ARG A 155 -4.88 13.73 2.39
C ARG A 155 -4.84 14.92 1.41
N LEU A 156 -5.37 14.77 0.19
CA LEU A 156 -5.42 15.85 -0.84
C LEU A 156 -6.74 16.61 -0.76
N VAL A 157 -7.69 16.14 0.04
CA VAL A 157 -9.00 16.82 0.20
C VAL A 157 -8.84 17.84 1.33
N PRO A 158 -8.97 19.16 1.06
CA PRO A 158 -8.72 20.18 2.08
C PRO A 158 -9.41 19.92 3.42
N GLY A 159 -8.62 19.70 4.47
CA GLY A 159 -9.19 19.56 5.82
C GLY A 159 -9.38 18.14 6.28
N VAL A 160 -9.42 17.18 5.35
CA VAL A 160 -9.60 15.75 5.71
C VAL A 160 -8.22 15.15 5.98
N LEU A 161 -8.11 14.24 6.95
CA LEU A 161 -6.83 13.56 7.26
C LEU A 161 -5.80 14.56 7.76
N SER A 178 10.59 14.54 -12.13
CA SER A 178 10.80 15.16 -10.79
C SER A 178 11.77 14.31 -9.95
N LEU A 179 12.05 14.76 -8.72
CA LEU A 179 13.23 14.31 -7.92
C LEU A 179 12.76 13.89 -6.52
N LEU A 180 13.52 13.03 -5.87
CA LEU A 180 13.22 12.56 -4.49
C LEU A 180 13.58 13.69 -3.52
N GLU A 181 12.87 13.77 -2.41
CA GLU A 181 13.23 14.64 -1.26
C GLU A 181 14.56 14.15 -0.71
N GLY A 182 15.42 15.09 -0.39
CA GLY A 182 16.71 14.83 0.24
C GLY A 182 16.55 14.64 1.74
N PRO A 183 17.67 14.43 2.45
CA PRO A 183 17.65 14.16 3.90
C PRO A 183 17.21 15.39 4.71
N SER A 184 16.53 15.11 5.81
CA SER A 184 16.00 16.08 6.81
C SER A 184 16.74 15.91 8.14
N TYR A 185 16.85 17.00 8.88
CA TYR A 185 17.62 17.10 10.16
C TYR A 185 16.87 18.00 11.14
N THR A 186 17.00 17.69 12.41
CA THR A 186 16.53 18.57 13.52
C THR A 186 17.52 18.46 14.65
N ARG A 187 17.19 19.08 15.78
CA ARG A 187 18.08 19.07 16.97
C ARG A 187 18.23 17.64 17.52
N PRO A 188 19.41 17.31 18.10
CA PRO A 188 20.52 18.25 18.25
C PRO A 188 21.51 18.34 17.09
N PRO A 189 22.36 19.40 17.04
CA PRO A 189 23.24 19.60 15.89
C PRO A 189 24.31 18.52 15.73
N SER A 190 24.66 17.83 16.82
CA SER A 190 25.61 16.69 16.81
C SER A 190 24.99 15.54 17.59
N TRP A 191 24.94 14.36 16.99
CA TRP A 191 24.27 13.17 17.60
C TRP A 191 25.00 11.90 17.15
N ARG A 192 25.50 11.11 18.13
CA ARG A 192 26.29 9.87 17.93
C ARG A 192 27.33 10.09 16.84
N GLY A 193 28.08 11.20 16.94
CA GLY A 193 29.20 11.49 16.05
C GLY A 193 28.79 12.06 14.71
N MET A 194 27.50 12.34 14.49
CA MET A 194 27.03 12.82 13.17
C MET A 194 26.50 14.25 13.30
N ASP A 195 27.13 15.16 12.56
CA ASP A 195 26.78 16.59 12.54
C ASP A 195 25.70 16.83 11.49
N VAL A 196 24.78 17.73 11.78
CA VAL A 196 23.88 18.29 10.75
C VAL A 196 24.78 19.04 9.79
N PRO A 197 24.58 18.90 8.45
CA PRO A 197 25.36 19.66 7.48
C PRO A 197 25.36 21.17 7.80
N PRO A 198 26.53 21.78 8.03
CA PRO A 198 26.57 23.15 8.54
C PRO A 198 25.92 24.16 7.60
N VAL A 199 25.80 23.87 6.29
CA VAL A 199 25.14 24.80 5.33
C VAL A 199 23.74 25.12 5.87
N LEU A 200 23.07 24.14 6.45
CA LEU A 200 21.67 24.29 6.93
C LEU A 200 21.56 25.33 8.06
N LEU A 201 22.64 25.56 8.79
CA LEU A 201 22.71 26.57 9.89
C LEU A 201 23.28 27.91 9.40
N SER A 202 23.58 28.07 8.10
CA SER A 202 24.40 29.18 7.56
C SER A 202 23.60 30.49 7.47
N GLY A 203 22.28 30.46 7.45
CA GLY A 203 21.45 31.62 7.05
C GLY A 203 21.72 32.14 5.65
N ASP A 204 22.26 31.34 4.73
CA ASP A 204 22.37 31.69 3.29
C ASP A 204 21.28 30.88 2.59
N HIS A 205 20.06 31.42 2.49
CA HIS A 205 18.89 30.62 2.05
C HIS A 205 18.96 30.20 0.57
N ALA A 206 19.62 30.97 -0.30
CA ALA A 206 19.79 30.62 -1.72
C ALA A 206 20.73 29.43 -1.78
N LYS A 207 21.79 29.48 -0.99
CA LYS A 207 22.79 28.39 -0.95
C LYS A 207 22.16 27.09 -0.39
N ILE A 208 21.33 27.19 0.62
CA ILE A 208 20.63 26.01 1.22
C ILE A 208 19.75 25.37 0.11
N ALA A 209 19.03 26.18 -0.66
CA ALA A 209 18.16 25.70 -1.76
C ALA A 209 19.00 24.94 -2.80
N ALA A 210 20.17 25.46 -3.18
CA ALA A 210 21.08 24.79 -4.14
C ALA A 210 21.62 23.49 -3.54
N TRP A 211 22.02 23.49 -2.27
CA TRP A 211 22.53 22.29 -1.58
C TRP A 211 21.46 21.18 -1.59
N ARG A 212 20.23 21.54 -1.22
CA ARG A 212 19.09 20.58 -1.16
C ARG A 212 18.79 20.06 -2.57
N ALA A 213 18.90 20.89 -3.62
CA ALA A 213 18.70 20.46 -5.02
C ALA A 213 19.76 19.42 -5.37
N GLU A 214 21.01 19.63 -4.97
CA GLU A 214 22.11 18.68 -5.26
C GLU A 214 21.85 17.36 -4.49
N GLN A 215 21.45 17.42 -3.21
CA GLN A 215 21.14 16.19 -2.42
C GLN A 215 20.01 15.42 -3.11
N SER A 216 18.98 16.09 -3.58
CA SER A 216 17.84 15.45 -4.27
C SER A 216 18.32 14.80 -5.57
N ARG A 217 19.19 15.47 -6.33
CA ARG A 217 19.75 14.92 -7.57
C ARG A 217 20.51 13.63 -7.24
N GLN A 218 21.44 13.67 -6.27
CA GLN A 218 22.29 12.50 -5.91
C GLN A 218 21.37 11.38 -5.46
N ARG A 219 20.45 11.65 -4.55
CA ARG A 219 19.53 10.59 -4.04
C ARG A 219 18.73 9.96 -5.19
N THR A 220 18.20 10.74 -6.11
CA THR A 220 17.36 10.26 -7.23
C THR A 220 18.22 9.35 -8.12
N ILE A 221 19.46 9.74 -8.43
CA ILE A 221 20.40 8.92 -9.26
C ILE A 221 20.60 7.58 -8.56
N GLU A 222 20.82 7.58 -7.25
CA GLU A 222 21.15 6.38 -6.45
C GLU A 222 19.91 5.46 -6.42
N ARG A 223 18.74 6.00 -6.09
CA ARG A 223 17.58 5.17 -5.67
C ARG A 223 16.58 4.99 -6.80
N ARG A 224 16.42 5.97 -7.67
CA ARG A 224 15.33 5.99 -8.67
C ARG A 224 15.87 6.56 -9.98
N PRO A 225 16.93 5.95 -10.56
CA PRO A 225 17.51 6.46 -11.81
C PRO A 225 16.49 6.54 -12.96
N ASP A 226 15.43 5.73 -12.93
CA ASP A 226 14.28 5.76 -13.88
C ASP A 226 13.65 7.17 -13.97
N LEU A 227 13.64 7.93 -12.87
CA LEU A 227 12.95 9.25 -12.80
C LEU A 227 13.74 10.30 -13.59
N LEU A 228 15.02 10.08 -13.86
CA LEU A 228 15.87 11.07 -14.58
C LEU A 228 15.90 10.79 -16.09
N GLY A 229 15.50 9.57 -16.51
CA GLY A 229 15.76 8.95 -17.84
C GLY A 229 17.15 8.28 -17.80
N SER B 1 10.79 -19.65 12.58
CA SER B 1 9.78 -18.61 12.30
C SER B 1 10.46 -17.24 12.11
N MET B 2 9.66 -16.19 11.90
CA MET B 2 10.11 -14.81 11.58
C MET B 2 9.57 -13.88 12.66
N LYS B 3 10.33 -12.89 13.08
CA LYS B 3 9.83 -11.86 14.02
C LYS B 3 9.67 -10.53 13.26
N ILE B 4 8.53 -9.87 13.38
CA ILE B 4 8.33 -8.50 12.83
C ILE B 4 8.02 -7.56 14.00
N ASP B 5 8.83 -6.52 14.17
CA ASP B 5 8.58 -5.42 15.12
C ASP B 5 8.23 -4.17 14.30
N VAL B 6 7.13 -3.54 14.61
CA VAL B 6 6.72 -2.27 13.97
C VAL B 6 6.83 -1.17 15.02
N VAL B 7 7.44 -0.03 14.68
CA VAL B 7 7.53 1.12 15.62
C VAL B 7 6.78 2.31 15.02
N THR B 8 5.84 2.88 15.74
CA THR B 8 4.89 3.88 15.23
C THR B 8 4.42 4.76 16.39
N ILE B 9 3.96 5.97 16.09
CA ILE B 9 3.20 6.77 17.09
C ILE B 9 1.69 6.44 16.98
N PHE B 10 1.27 5.56 16.05
CA PHE B 10 -0.15 5.16 15.93
C PHE B 10 -0.27 3.63 15.94
N PRO B 11 0.00 2.95 17.07
CA PRO B 11 -0.08 1.49 17.14
C PRO B 11 -1.46 0.95 16.70
N GLU B 12 -2.52 1.73 16.92
CA GLU B 12 -3.91 1.31 16.57
C GLU B 12 -4.05 1.11 15.05
N TYR B 13 -3.32 1.86 14.22
CA TYR B 13 -3.35 1.79 12.74
C TYR B 13 -2.85 0.41 12.30
N LEU B 14 -2.08 -0.34 13.13
CA LEU B 14 -1.48 -1.64 12.73
C LEU B 14 -2.41 -2.82 13.06
N GLN B 15 -3.58 -2.59 13.70
CA GLN B 15 -4.52 -3.69 14.08
C GLN B 15 -4.94 -4.53 12.88
N PRO B 16 -5.11 -3.96 11.65
CA PRO B 16 -5.47 -4.77 10.47
C PRO B 16 -4.53 -5.96 10.24
N VAL B 17 -3.35 -5.95 10.84
CA VAL B 17 -2.40 -7.06 10.68
C VAL B 17 -2.99 -8.37 11.25
N ARG B 18 -4.00 -8.25 12.12
CA ARG B 18 -4.65 -9.44 12.77
C ARG B 18 -5.71 -10.06 11.86
N GLN B 19 -6.02 -9.45 10.71
CA GLN B 19 -7.04 -9.92 9.73
C GLN B 19 -6.35 -10.76 8.65
N SER B 20 -7.14 -11.52 7.88
CA SER B 20 -6.72 -12.13 6.59
C SER B 20 -5.43 -12.96 6.75
N LEU B 21 -4.57 -13.04 5.72
CA LEU B 21 -3.45 -14.02 5.69
C LEU B 21 -2.42 -13.70 6.79
N PRO B 22 -2.04 -12.42 7.03
CA PRO B 22 -1.15 -12.10 8.15
C PRO B 22 -1.67 -12.60 9.51
N GLY B 23 -2.97 -12.41 9.77
CA GLY B 23 -3.67 -12.95 10.95
C GLY B 23 -3.53 -14.46 11.04
N LYS B 24 -3.71 -15.14 9.90
CA LYS B 24 -3.62 -16.62 9.80
C LYS B 24 -2.16 -17.06 10.05
N ALA B 25 -1.17 -16.39 9.45
CA ALA B 25 0.26 -16.65 9.71
C ALA B 25 0.59 -16.49 11.19
N ILE B 26 0.05 -15.45 11.85
CA ILE B 26 0.29 -15.19 13.32
C ILE B 26 -0.27 -16.36 14.12
N ASP B 27 -1.56 -16.67 13.90
CA ASP B 27 -2.33 -17.73 14.60
C ASP B 27 -1.59 -19.08 14.51
N ALA B 28 -0.99 -19.37 13.35
CA ALA B 28 -0.28 -20.63 13.04
C ALA B 28 1.17 -20.61 13.53
N GLY B 29 1.61 -19.51 14.17
CA GLY B 29 2.96 -19.38 14.78
C GLY B 29 4.09 -19.27 13.76
N LEU B 30 3.81 -18.82 12.52
CA LEU B 30 4.88 -18.70 11.49
C LEU B 30 5.55 -17.32 11.58
N VAL B 31 4.88 -16.39 12.22
CA VAL B 31 5.38 -15.01 12.41
C VAL B 31 4.84 -14.55 13.75
N ASP B 32 5.64 -13.79 14.48
CA ASP B 32 5.22 -12.98 15.64
C ASP B 32 5.33 -11.51 15.21
N VAL B 33 4.22 -10.78 15.24
CA VAL B 33 4.23 -9.31 14.93
C VAL B 33 4.03 -8.53 16.22
N ALA B 34 5.01 -7.71 16.61
CA ALA B 34 4.90 -6.83 17.80
C ALA B 34 4.83 -5.39 17.31
N VAL B 35 3.92 -4.61 17.85
CA VAL B 35 3.74 -3.18 17.49
C VAL B 35 4.10 -2.38 18.75
N HIS B 36 4.96 -1.39 18.62
CA HIS B 36 5.50 -0.60 19.77
C HIS B 36 5.20 0.88 19.57
N ASP B 37 4.70 1.55 20.61
CA ASP B 37 4.47 3.01 20.64
C ASP B 37 5.82 3.69 20.78
N LEU B 38 6.23 4.46 19.78
CA LEU B 38 7.51 5.20 19.84
C LEU B 38 7.57 6.05 21.14
N ARG B 39 6.41 6.55 21.60
CA ARG B 39 6.31 7.48 22.77
C ARG B 39 6.82 6.81 24.05
N ARG B 40 6.87 5.48 24.10
CA ARG B 40 7.48 4.69 25.20
C ARG B 40 8.94 5.12 25.44
N TRP B 41 9.64 5.67 24.44
CA TRP B 41 11.06 6.03 24.60
C TRP B 41 11.26 7.54 24.85
N THR B 42 10.19 8.32 25.01
CA THR B 42 10.30 9.77 25.32
C THR B 42 10.51 9.90 26.84
N HIS B 43 11.06 11.03 27.31
CA HIS B 43 11.34 11.24 28.77
C HIS B 43 10.73 12.55 29.31
N ASP B 44 9.88 13.24 28.54
CA ASP B 44 9.32 14.58 28.90
C ASP B 44 7.81 14.49 29.11
N VAL B 45 7.22 15.51 29.77
CA VAL B 45 5.76 15.71 29.99
C VAL B 45 5.03 15.46 28.66
N HIS B 46 5.38 16.23 27.63
CA HIS B 46 4.63 16.33 26.36
C HIS B 46 4.90 15.13 25.46
N LYS B 47 5.83 14.24 25.83
CA LYS B 47 6.19 13.00 25.07
C LYS B 47 6.49 13.36 23.62
N SER B 48 7.38 14.33 23.38
CA SER B 48 7.61 14.98 22.06
C SER B 48 8.43 14.05 21.15
N VAL B 49 8.01 13.84 19.89
CA VAL B 49 8.75 12.92 18.97
C VAL B 49 9.25 13.71 17.77
N ASP B 50 8.90 14.99 17.63
CA ASP B 50 9.20 15.81 16.44
C ASP B 50 9.76 17.18 16.84
N ASP B 51 10.38 17.87 15.90
CA ASP B 51 10.95 19.22 16.12
C ASP B 51 10.99 19.87 14.74
N SER B 52 11.18 21.19 14.68
CA SER B 52 11.26 21.91 13.40
C SER B 52 12.57 21.55 12.71
N PRO B 53 12.58 21.55 11.37
CA PRO B 53 13.78 21.20 10.61
C PRO B 53 14.83 22.32 10.67
N TYR B 54 16.09 21.91 10.58
CA TYR B 54 17.23 22.76 10.24
C TYR B 54 17.17 23.13 8.76
N GLY B 55 17.46 24.38 8.43
CA GLY B 55 17.57 24.83 7.03
C GLY B 55 16.27 25.38 6.51
N GLY B 56 15.21 25.18 7.28
CA GLY B 56 13.86 25.69 7.05
C GLY B 56 13.01 24.65 6.34
N GLY B 57 11.78 25.02 6.06
CA GLY B 57 10.85 24.18 5.29
C GLY B 57 9.60 24.02 6.10
N PRO B 58 8.48 23.62 5.46
CA PRO B 58 7.25 23.28 6.17
C PRO B 58 7.39 22.04 7.08
N GLY B 59 6.61 22.03 8.15
CA GLY B 59 6.33 20.81 8.93
C GLY B 59 7.45 20.46 9.88
N MET B 60 7.49 19.22 10.34
CA MET B 60 8.33 18.78 11.47
C MET B 60 9.10 17.54 11.04
N VAL B 61 10.23 17.30 11.70
CA VAL B 61 11.10 16.12 11.51
C VAL B 61 11.09 15.31 12.80
N MET B 62 11.03 13.98 12.69
CA MET B 62 11.05 13.13 13.90
C MET B 62 12.47 13.14 14.49
N LYS B 63 12.53 13.33 15.81
CA LYS B 63 13.78 13.57 16.56
C LYS B 63 14.63 12.30 16.53
N PRO B 64 15.95 12.41 16.29
CA PRO B 64 16.83 11.25 16.33
C PRO B 64 16.97 10.61 17.73
N THR B 65 16.93 11.37 18.81
CA THR B 65 17.21 10.81 20.16
C THR B 65 16.20 9.71 20.46
N VAL B 66 14.91 9.97 20.24
CA VAL B 66 13.83 9.01 20.62
C VAL B 66 13.93 7.76 19.74
N TRP B 67 14.14 7.91 18.42
CA TRP B 67 14.28 6.78 17.46
C TRP B 67 15.51 5.97 17.81
N GLY B 68 16.61 6.64 18.13
CA GLY B 68 17.89 6.01 18.49
C GLY B 68 17.70 5.02 19.61
N ASP B 69 17.01 5.45 20.66
CA ASP B 69 16.74 4.69 21.90
C ASP B 69 15.76 3.55 21.59
N ALA B 70 14.68 3.81 20.82
CA ALA B 70 13.76 2.72 20.40
C ALA B 70 14.56 1.65 19.65
N LEU B 71 15.38 2.02 18.68
CA LEU B 71 16.00 1.01 17.76
C LEU B 71 17.14 0.30 18.49
N ASP B 72 17.78 0.93 19.49
CA ASP B 72 18.80 0.30 20.37
C ASP B 72 18.21 -0.89 21.14
N GLU B 73 16.98 -0.75 21.65
CA GLU B 73 16.28 -1.81 22.40
C GLU B 73 15.74 -2.89 21.46
N ILE B 74 15.19 -2.54 20.30
CA ILE B 74 14.43 -3.52 19.45
C ILE B 74 15.40 -4.23 18.50
N CYS B 75 16.44 -3.56 18.00
CA CYS B 75 17.30 -4.09 16.92
C CYS B 75 18.54 -4.81 17.48
N THR B 76 19.02 -5.80 16.74
CA THR B 76 20.36 -6.43 16.92
C THR B 76 21.10 -6.28 15.59
N SER B 77 22.31 -6.81 15.49
CA SER B 77 23.17 -6.79 14.29
C SER B 77 22.56 -7.62 13.15
N GLU B 78 21.70 -8.60 13.46
CA GLU B 78 21.05 -9.51 12.47
C GLU B 78 19.79 -8.87 11.88
N THR B 79 19.28 -7.78 12.46
CA THR B 79 17.98 -7.12 12.08
C THR B 79 18.07 -6.55 10.66
N LEU B 80 17.01 -6.65 9.88
CA LEU B 80 16.83 -5.83 8.66
C LEU B 80 15.91 -4.69 9.06
N LEU B 81 16.43 -3.48 9.04
CA LEU B 81 15.64 -2.28 9.43
C LEU B 81 15.06 -1.71 8.16
N VAL B 82 13.73 -1.67 8.13
CA VAL B 82 12.92 -1.23 6.96
C VAL B 82 12.34 0.14 7.29
N VAL B 83 12.64 1.13 6.47
CA VAL B 83 12.16 2.53 6.67
C VAL B 83 11.31 2.93 5.46
N PRO B 84 9.97 2.82 5.54
CA PRO B 84 9.10 3.22 4.43
C PRO B 84 9.16 4.74 4.25
N THR B 85 9.41 5.17 3.02
CA THR B 85 9.51 6.61 2.66
C THR B 85 9.34 6.75 1.16
N PRO B 86 8.69 7.83 0.69
CA PRO B 86 8.53 8.08 -0.74
C PRO B 86 9.87 8.33 -1.42
N ALA B 87 10.89 8.68 -0.65
CA ALA B 87 12.27 8.85 -1.16
C ALA B 87 13.08 7.54 -1.13
N GLY B 88 12.45 6.39 -0.89
CA GLY B 88 13.19 5.13 -0.80
C GLY B 88 13.48 4.47 -2.15
N TYR B 89 14.31 3.42 -2.13
CA TYR B 89 14.44 2.42 -3.21
C TYR B 89 13.06 1.81 -3.46
N PRO B 90 12.67 1.44 -4.71
CA PRO B 90 11.41 0.77 -4.94
C PRO B 90 11.32 -0.58 -4.21
N PHE B 91 10.24 -0.80 -3.49
CA PHE B 91 9.84 -2.12 -2.95
C PHE B 91 9.12 -2.89 -4.07
N THR B 92 9.62 -4.06 -4.42
CA THR B 92 9.12 -4.87 -5.54
C THR B 92 8.95 -6.31 -5.08
N GLN B 93 8.37 -7.15 -5.95
CA GLN B 93 8.17 -8.60 -5.70
C GLN B 93 9.53 -9.20 -5.35
N GLU B 94 10.59 -8.83 -6.04
CA GLU B 94 11.92 -9.38 -5.72
C GLU B 94 12.27 -9.03 -4.26
N THR B 95 12.06 -7.81 -3.79
CA THR B 95 12.32 -7.43 -2.38
C THR B 95 11.51 -8.30 -1.44
N ALA B 96 10.24 -8.52 -1.75
CA ALA B 96 9.35 -9.34 -0.90
C ALA B 96 9.93 -10.75 -0.81
N TRP B 97 10.34 -11.35 -1.93
CA TRP B 97 10.96 -12.71 -1.88
C TRP B 97 12.21 -12.71 -0.98
N GLN B 98 13.10 -11.74 -1.17
CA GLN B 98 14.32 -11.61 -0.35
C GLN B 98 13.95 -11.49 1.13
N TRP B 99 12.99 -10.64 1.51
CA TRP B 99 12.71 -10.41 2.95
C TRP B 99 11.97 -11.58 3.54
N SER B 100 11.34 -12.40 2.71
CA SER B 100 10.59 -13.59 3.18
C SER B 100 11.53 -14.58 3.89
N THR B 101 12.84 -14.55 3.64
CA THR B 101 13.84 -15.46 4.28
C THR B 101 14.47 -14.84 5.54
N GLU B 102 14.12 -13.61 5.93
CA GLU B 102 14.78 -12.93 7.06
C GLU B 102 14.22 -13.40 8.40
N ASP B 103 15.06 -13.50 9.43
CA ASP B 103 14.65 -13.86 10.81
C ASP B 103 13.97 -12.68 11.53
N HIS B 104 14.46 -11.46 11.33
CA HIS B 104 13.99 -10.28 12.11
C HIS B 104 13.85 -9.04 11.23
N LEU B 105 12.61 -8.56 11.03
CA LEU B 105 12.37 -7.29 10.33
C LEU B 105 11.90 -6.30 11.39
N VAL B 106 12.44 -5.09 11.34
CA VAL B 106 11.91 -3.98 12.16
C VAL B 106 11.46 -2.89 11.20
N ILE B 107 10.21 -2.45 11.32
CA ILE B 107 9.65 -1.42 10.41
C ILE B 107 9.48 -0.11 11.18
N ALA B 108 10.29 0.90 10.84
CA ALA B 108 10.25 2.20 11.52
C ALA B 108 9.40 3.16 10.70
N CYS B 109 8.17 3.43 11.15
CA CYS B 109 7.25 4.28 10.34
C CYS B 109 7.28 5.72 10.85
N GLY B 110 7.63 6.66 9.97
CA GLY B 110 7.68 8.09 10.35
C GLY B 110 6.65 8.90 9.60
N ARG B 111 6.02 9.86 10.28
CA ARG B 111 5.00 10.73 9.62
C ARG B 111 5.60 12.11 9.36
N TYR B 112 4.79 13.16 9.47
CA TYR B 112 5.28 14.55 9.29
C TYR B 112 6.09 14.65 7.98
N GLU B 113 7.33 15.15 8.07
CA GLU B 113 8.17 15.29 6.85
C GLU B 113 9.20 14.15 6.80
N GLY B 114 9.28 13.35 7.86
CA GLY B 114 10.19 12.19 7.85
C GLY B 114 10.99 12.08 9.14
N ILE B 115 11.96 11.15 9.18
CA ILE B 115 12.79 10.94 10.40
C ILE B 115 14.18 11.55 10.14
N ASP B 116 14.86 12.05 11.18
CA ASP B 116 16.23 12.59 11.02
C ASP B 116 17.08 11.58 10.24
N GLN B 117 17.78 12.04 9.20
CA GLN B 117 18.57 11.12 8.35
C GLN B 117 19.58 10.36 9.18
N ARG B 118 20.01 10.96 10.29
CA ARG B 118 21.06 10.34 11.12
C ARG B 118 20.55 9.06 11.80
N VAL B 119 19.26 8.84 11.97
CA VAL B 119 18.74 7.59 12.57
C VAL B 119 19.10 6.43 11.65
N ALA B 120 18.80 6.53 10.34
CA ALA B 120 19.12 5.44 9.37
C ALA B 120 20.64 5.30 9.24
N ASP B 121 21.39 6.42 9.23
CA ASP B 121 22.86 6.39 8.99
C ASP B 121 23.55 5.74 10.20
N ASP B 122 23.10 6.05 11.41
CA ASP B 122 23.62 5.41 12.66
C ASP B 122 23.24 3.92 12.71
N ALA B 123 22.00 3.56 12.40
CA ALA B 123 21.57 2.14 12.46
C ALA B 123 22.42 1.34 11.48
N ALA B 124 22.77 1.93 10.35
CA ALA B 124 23.53 1.25 9.28
C ALA B 124 24.96 0.95 9.72
N THR B 125 25.48 1.55 10.80
CA THR B 125 26.80 1.14 11.36
C THR B 125 26.69 -0.22 12.04
N ARG B 126 25.48 -0.68 12.40
CA ARG B 126 25.30 -1.92 13.21
C ARG B 126 24.49 -3.00 12.49
N MET B 127 23.60 -2.62 11.58
CA MET B 127 22.66 -3.55 10.92
C MET B 127 22.46 -3.15 9.46
N ARG B 128 21.72 -3.99 8.73
CA ARG B 128 21.31 -3.69 7.34
C ARG B 128 20.06 -2.81 7.41
N VAL B 129 20.08 -1.73 6.63
CA VAL B 129 19.02 -0.69 6.61
C VAL B 129 18.51 -0.58 5.16
N ARG B 130 17.21 -0.57 4.98
CA ARG B 130 16.59 -0.44 3.63
C ARG B 130 15.48 0.60 3.70
N GLU B 131 15.70 1.78 3.13
CA GLU B 131 14.66 2.82 2.89
C GLU B 131 13.92 2.43 1.62
N VAL B 132 12.59 2.24 1.71
CA VAL B 132 11.82 1.69 0.56
C VAL B 132 10.55 2.52 0.34
N SER B 133 10.21 2.70 -0.91
CA SER B 133 8.93 3.25 -1.38
C SER B 133 8.04 2.12 -1.87
N ILE B 134 6.80 2.02 -1.40
CA ILE B 134 5.85 1.03 -1.97
C ILE B 134 5.20 1.55 -3.26
N GLY B 135 5.39 2.81 -3.66
CA GLY B 135 4.85 3.26 -4.95
C GLY B 135 4.99 4.76 -5.13
N ASP B 136 4.64 5.26 -6.30
CA ASP B 136 4.84 6.69 -6.62
C ASP B 136 3.61 7.48 -6.21
N TYR B 137 3.42 7.61 -4.91
CA TYR B 137 2.36 8.42 -4.27
C TYR B 137 2.84 8.76 -2.86
N VAL B 138 2.26 9.80 -2.31
CA VAL B 138 2.59 10.28 -0.95
C VAL B 138 1.48 9.87 0.01
N LEU B 139 1.88 9.34 1.16
CA LEU B 139 1.00 9.02 2.30
C LEU B 139 1.31 9.99 3.45
N ASN B 140 0.47 10.04 4.46
CA ASN B 140 0.73 10.88 5.66
C ASN B 140 1.80 10.21 6.52
N GLY B 141 1.86 8.88 6.52
CA GLY B 141 2.81 8.15 7.39
C GLY B 141 3.18 6.77 6.87
N GLY B 142 4.12 6.11 7.54
CA GLY B 142 4.64 4.80 7.11
C GLY B 142 3.72 3.63 7.46
N GLU B 143 2.62 3.81 8.21
CA GLU B 143 1.83 2.69 8.80
C GLU B 143 1.13 1.89 7.69
N ALA B 144 0.50 2.55 6.72
CA ALA B 144 -0.17 1.83 5.60
C ALA B 144 0.90 1.11 4.76
N ALA B 145 2.09 1.69 4.57
CA ALA B 145 3.20 1.05 3.84
C ALA B 145 3.66 -0.19 4.59
N ALA B 146 3.73 -0.12 5.90
CA ALA B 146 4.14 -1.27 6.73
C ALA B 146 3.15 -2.43 6.51
N LEU B 147 1.84 -2.18 6.51
CA LEU B 147 0.84 -3.26 6.30
C LEU B 147 1.03 -3.88 4.90
N VAL B 148 1.29 -3.06 3.87
CA VAL B 148 1.54 -3.56 2.49
C VAL B 148 2.78 -4.48 2.49
N ILE B 149 3.89 -4.04 3.11
CA ILE B 149 5.17 -4.79 3.13
C ILE B 149 4.92 -6.12 3.87
N ILE B 150 4.25 -6.07 5.01
CA ILE B 150 3.98 -7.29 5.85
C ILE B 150 3.17 -8.30 5.01
N GLU B 151 2.11 -7.87 4.37
CA GLU B 151 1.23 -8.74 3.52
C GLU B 151 2.07 -9.30 2.36
N ALA B 152 2.84 -8.47 1.66
CA ALA B 152 3.60 -8.91 0.47
C ALA B 152 4.67 -9.92 0.88
N VAL B 153 5.26 -9.77 2.05
CA VAL B 153 6.32 -10.70 2.54
C VAL B 153 5.71 -12.00 3.08
N LEU B 154 4.71 -11.91 3.92
CA LEU B 154 4.19 -13.07 4.70
C LEU B 154 3.55 -14.11 3.78
N ARG B 155 2.96 -13.70 2.67
CA ARG B 155 2.33 -14.65 1.74
C ARG B 155 3.41 -15.49 1.06
N LEU B 156 4.70 -15.17 1.20
CA LEU B 156 5.83 -15.89 0.53
C LEU B 156 6.56 -16.79 1.52
N VAL B 157 6.33 -16.64 2.82
CA VAL B 157 7.18 -17.33 3.83
C VAL B 157 6.88 -18.83 3.72
N PRO B 158 7.88 -19.73 3.77
CA PRO B 158 7.63 -21.16 3.59
C PRO B 158 6.67 -21.58 4.72
N GLY B 159 5.60 -22.29 4.41
CA GLY B 159 4.61 -22.59 5.46
C GLY B 159 3.30 -21.85 5.23
N VAL B 160 3.33 -20.69 4.54
CA VAL B 160 2.16 -20.20 3.75
C VAL B 160 2.22 -20.88 2.37
N LEU B 161 3.31 -20.70 1.61
CA LEU B 161 3.53 -21.41 0.31
C LEU B 161 3.56 -22.92 0.59
N SER B 178 7.17 -9.31 -14.24
CA SER B 178 6.96 -10.33 -15.30
C SER B 178 5.78 -9.91 -16.18
N LEU B 179 4.61 -10.51 -15.95
CA LEU B 179 3.40 -10.33 -16.77
C LEU B 179 2.19 -10.26 -15.84
N LEU B 180 1.15 -9.56 -16.28
CA LEU B 180 -0.11 -9.39 -15.52
C LEU B 180 -0.98 -10.62 -15.73
N GLU B 181 -1.74 -11.00 -14.70
CA GLU B 181 -2.77 -12.08 -14.82
C GLU B 181 -3.88 -11.55 -15.73
N GLY B 182 -4.33 -12.37 -16.67
CA GLY B 182 -5.47 -12.03 -17.54
C GLY B 182 -6.77 -12.22 -16.76
N PRO B 183 -7.92 -12.06 -17.42
CA PRO B 183 -9.21 -12.16 -16.75
C PRO B 183 -9.52 -13.60 -16.31
N SER B 184 -10.32 -13.73 -15.25
CA SER B 184 -10.75 -15.01 -14.66
C SER B 184 -12.27 -15.01 -14.54
N TYR B 185 -12.87 -16.19 -14.55
CA TYR B 185 -14.33 -16.40 -14.62
C TYR B 185 -14.72 -17.56 -13.72
N THR B 186 -15.92 -17.53 -13.15
CA THR B 186 -16.47 -18.71 -12.46
C THR B 186 -17.95 -18.84 -12.83
N ARG B 187 -18.65 -19.79 -12.21
CA ARG B 187 -20.06 -20.08 -12.57
C ARG B 187 -20.92 -18.88 -12.19
N PRO B 188 -22.04 -18.61 -12.89
CA PRO B 188 -22.50 -19.39 -14.03
C PRO B 188 -21.88 -19.03 -15.37
N PRO B 189 -22.03 -19.91 -16.40
CA PRO B 189 -21.36 -19.71 -17.69
C PRO B 189 -21.95 -18.56 -18.51
N SER B 190 -23.17 -18.15 -18.15
CA SER B 190 -23.79 -16.95 -18.76
C SER B 190 -24.42 -16.13 -17.63
N TRP B 191 -24.10 -14.84 -17.58
CA TRP B 191 -24.60 -13.94 -16.52
C TRP B 191 -24.91 -12.57 -17.09
N ARG B 192 -26.15 -12.10 -16.90
CA ARG B 192 -26.66 -10.82 -17.44
C ARG B 192 -26.41 -10.77 -18.96
N GLY B 193 -26.48 -11.91 -19.66
CA GLY B 193 -26.27 -11.93 -21.12
C GLY B 193 -24.79 -11.81 -21.45
N MET B 194 -23.91 -12.01 -20.47
CA MET B 194 -22.44 -12.04 -20.70
C MET B 194 -21.91 -13.46 -20.49
N ASP B 195 -21.26 -14.00 -21.51
CA ASP B 195 -20.83 -15.43 -21.54
C ASP B 195 -19.37 -15.53 -21.13
N VAL B 196 -19.01 -16.57 -20.38
CA VAL B 196 -17.58 -16.98 -20.23
C VAL B 196 -17.05 -17.30 -21.63
N PRO B 197 -15.85 -16.80 -21.99
CA PRO B 197 -15.15 -17.21 -23.22
C PRO B 197 -15.22 -18.73 -23.44
N PRO B 198 -15.76 -19.17 -24.60
CA PRO B 198 -16.04 -20.58 -24.85
C PRO B 198 -14.82 -21.49 -24.68
N VAL B 199 -13.62 -21.01 -24.99
CA VAL B 199 -12.41 -21.86 -24.84
C VAL B 199 -12.31 -22.38 -23.38
N LEU B 200 -12.74 -21.59 -22.37
CA LEU B 200 -12.53 -21.98 -20.95
C LEU B 200 -13.51 -23.11 -20.57
N LEU B 201 -14.58 -23.29 -21.35
CA LEU B 201 -15.60 -24.35 -21.14
C LEU B 201 -15.27 -25.60 -21.94
N SER B 202 -14.31 -25.52 -22.86
CA SER B 202 -14.06 -26.51 -23.94
C SER B 202 -13.30 -27.73 -23.40
N GLY B 203 -12.70 -27.66 -22.20
CA GLY B 203 -11.87 -28.76 -21.65
C GLY B 203 -10.56 -29.02 -22.43
N ASP B 204 -10.15 -28.18 -23.39
CA ASP B 204 -8.87 -28.34 -24.13
C ASP B 204 -7.74 -27.61 -23.39
N HIS B 205 -6.91 -28.33 -22.63
CA HIS B 205 -5.85 -27.77 -21.75
C HIS B 205 -4.87 -26.91 -22.55
N ALA B 206 -4.57 -27.25 -23.81
CA ALA B 206 -3.54 -26.54 -24.62
C ALA B 206 -4.15 -25.27 -25.21
N LYS B 207 -5.42 -25.30 -25.64
CA LYS B 207 -6.12 -24.07 -26.09
C LYS B 207 -6.32 -23.13 -24.89
N ILE B 208 -6.64 -23.64 -23.70
CA ILE B 208 -6.88 -22.78 -22.49
C ILE B 208 -5.56 -22.09 -22.15
N ALA B 209 -4.46 -22.85 -22.11
CA ALA B 209 -3.10 -22.33 -21.77
C ALA B 209 -2.69 -21.24 -22.77
N ALA B 210 -2.95 -21.46 -24.06
CA ALA B 210 -2.65 -20.53 -25.17
C ALA B 210 -3.46 -19.26 -25.01
N TRP B 211 -4.75 -19.39 -24.72
CA TRP B 211 -5.63 -18.21 -24.59
C TRP B 211 -5.27 -17.42 -23.32
N ARG B 212 -4.98 -18.09 -22.21
CA ARG B 212 -4.57 -17.38 -21.00
C ARG B 212 -3.25 -16.62 -21.23
N ALA B 213 -2.31 -17.20 -21.98
CA ALA B 213 -0.99 -16.59 -22.23
C ALA B 213 -1.23 -15.31 -23.06
N GLU B 214 -2.06 -15.39 -24.08
CA GLU B 214 -2.36 -14.24 -24.97
C GLU B 214 -3.08 -13.15 -24.17
N GLN B 215 -4.08 -13.52 -23.36
CA GLN B 215 -4.83 -12.52 -22.54
C GLN B 215 -3.85 -11.79 -21.60
N SER B 216 -2.90 -12.52 -20.99
CA SER B 216 -1.89 -11.94 -20.09
C SER B 216 -1.04 -10.92 -20.85
N ARG B 217 -0.56 -11.27 -22.04
CA ARG B 217 0.31 -10.37 -22.85
C ARG B 217 -0.52 -9.16 -23.32
N GLN B 218 -1.78 -9.36 -23.69
CA GLN B 218 -2.62 -8.23 -24.18
C GLN B 218 -2.97 -7.30 -23.00
N ARG B 219 -3.24 -7.83 -21.80
CA ARG B 219 -3.48 -6.95 -20.63
C ARG B 219 -2.17 -6.23 -20.26
N THR B 220 -1.03 -6.91 -20.35
CA THR B 220 0.26 -6.31 -19.94
C THR B 220 0.54 -5.11 -20.84
N ILE B 221 0.37 -5.24 -22.15
CA ILE B 221 0.74 -4.13 -23.07
C ILE B 221 -0.26 -2.97 -22.92
N GLU B 222 -1.53 -3.24 -22.62
CA GLU B 222 -2.52 -2.16 -22.39
C GLU B 222 -2.24 -1.43 -21.06
N ARG B 223 -2.01 -2.17 -19.99
CA ARG B 223 -1.99 -1.59 -18.61
C ARG B 223 -0.59 -1.27 -18.11
N ARG B 224 0.42 -2.04 -18.53
CA ARG B 224 1.81 -1.99 -18.01
C ARG B 224 2.80 -2.22 -19.16
N PRO B 225 2.76 -1.40 -20.22
CA PRO B 225 3.64 -1.57 -21.37
C PRO B 225 5.12 -1.54 -20.96
N ASP B 226 5.42 -0.86 -19.85
CA ASP B 226 6.79 -0.83 -19.27
C ASP B 226 7.29 -2.26 -18.99
N LEU B 227 6.43 -3.22 -18.60
CA LEU B 227 6.90 -4.59 -18.26
C LEU B 227 7.40 -5.32 -19.51
N LEU B 228 6.95 -4.93 -20.70
CA LEU B 228 7.38 -5.53 -21.99
C LEU B 228 8.37 -4.62 -22.73
N GLY B 229 8.87 -3.59 -22.07
CA GLY B 229 9.91 -2.72 -22.63
C GLY B 229 9.38 -1.68 -23.59
N PHE B 230 8.16 -1.18 -23.39
CA PHE B 230 7.53 -0.14 -24.25
C PHE B 230 7.30 1.12 -23.41
N ASP B 231 7.20 2.27 -24.07
CA ASP B 231 6.93 3.58 -23.43
C ASP B 231 5.60 3.52 -22.68
N SER B 232 5.57 4.09 -21.46
CA SER B 232 4.34 4.35 -20.67
C SER B 232 3.51 5.40 -21.41
N PRO B 233 2.16 5.43 -21.23
CA PRO B 233 1.32 6.44 -21.89
C PRO B 233 1.63 7.90 -21.50
#